data_7ZKL
#
_entry.id   7ZKL
#
_cell.length_a   152.910
_cell.length_b   152.910
_cell.length_c   79.490
_cell.angle_alpha   90.000
_cell.angle_beta   90.000
_cell.angle_gamma   120.000
#
_symmetry.space_group_name_H-M   'P 64'
#
loop_
_entity.id
_entity.type
_entity.pdbx_description
1 polymer 'Thrombin light chain'
2 polymer 'Thrombin heavy chain'
3 polymer TBA-NNp/DDp
4 non-polymer D-phenylalanyl-N-[(2S,3S)-6-{[amino(iminio)methyl]amino}-1-chloro-2-hydroxyhexan-3-yl]-L-prolinamide
5 non-polymer 'SODIUM ION'
6 non-polymer '(2S)-2-hydroxybutanedioic acid'
7 non-polymer '3-[13-methyl-5,7,12,14-tetrakis(oxidanylidene)-6,13-diazatetracyclo[6.6.2.0^{4,16}.0^{11,15}]hexadeca-1(15),2,4(16),8,10-pentaen-6-yl]propyl 3-[5,7,12,14-tetrakis(oxidanylidene)-13-(3-oxidanylpropyl)-6,13-diazatetracyclo[6.6.2.0^{4,16}.0^{11,15}]hexadeca-1,3,8(16),9,11(15)-pentaen-6-yl]propyl hydrogen phosphate'
8 non-polymer '3-[5-[3-bis(oxidanyl)phosphanyloxypropoxy]naphthalen-1-yl]oxypropyl 3-(5-oxidanylnaphthalen-1-yl)oxypropyl hydrogen phosphate'
9 non-polymer 'POTASSIUM ION'
10 water water
#
loop_
_entity_poly.entity_id
_entity_poly.type
_entity_poly.pdbx_seq_one_letter_code
_entity_poly.pdbx_strand_id
1 'polypeptide(L)' TFGSGEADCGLRPLFEKKSLEDKTERELLESYIDGR L
2 'polypeptide(L)'
;IVEGSDAEIGMSPWQVMLFRKSPQELLCGASLISDRWVLTAAHCLLYPPWDKNFTENDLLVRIGKHSRTRYERNIEKISM
LEKIYIHPRYNWRENLDRDIALMKLKKPVAFSDYIHPVCLPDRETAASLLQAGYKGRVTGWGNLKETWTANVGKGQPSVL
QVVNLPIVERPVCKDSTRIRITDNMFCAGYKPDEGKRGDACEGDSGGPFVMKSPFNNRWYQMGIVSWGEGCDRDGKYGFY
THVFRLKKWIQKVIDQFGE
;
H
3 'polydeoxyribonucleotide' (DG)(DG)(DT)(DT)(DG)(DG)(DT)(DG)(DT)(DG)(DG)(DT)(DT)(DG)(DG) A
#
loop_
_chem_comp.id
_chem_comp.type
_chem_comp.name
_chem_comp.formula
0G6 peptide-like D-phenylalanyl-N-[(2S,3S)-6-{[amino(iminio)methyl]amino}-1-chloro-2-hydroxyhexan-3-yl]-L-prolinamide 'C21 H34 Cl N6 O3 1'
DG DNA linking 2'-DEOXYGUANOSINE-5'-MONOPHOSPHATE 'C10 H14 N5 O7 P'
DT DNA linking THYMIDINE-5'-MONOPHOSPHATE 'C10 H15 N2 O8 P'
JKR non-polymer '3-[5-[3-bis(oxidanyl)phosphanyloxypropoxy]naphthalen-1-yl]oxypropyl 3-(5-oxidanylnaphthalen-1-yl)oxypropyl hydrogen phosphate' 'C29 H34 O11 P2'
JL0 non-polymer '3-[13-methyl-5,7,12,14-tetrakis(oxidanylidene)-6,13-diazatetracyclo[6.6.2.0^{4,16}.0^{11,15}]hexadeca-1(15),2,4(16),8,10-pentaen-6-yl]propyl 3-[5,7,12,14-tetrakis(oxidanylidene)-13-(3-oxidanylpropyl)-6,13-diazatetracyclo[6.6.2.0^{4,16}.0^{11,15}]hexadeca-1,3,8(16),9,11(15)-pentaen-6-yl]propyl hydrogen phosphate' 'C43 H43 N4 O21 P3'
K non-polymer 'POTASSIUM ION' 'K 1'
LMR non-polymer '(2S)-2-hydroxybutanedioic acid' 'C4 H6 O5'
NA non-polymer 'SODIUM ION' 'Na 1'
#
# COMPACT_ATOMS: atom_id res chain seq x y z
N SER A 4 -13.72 -10.87 7.58
CA SER A 4 -13.96 -11.92 6.54
C SER A 4 -12.64 -12.26 5.84
N GLY A 5 -11.60 -12.46 6.64
CA GLY A 5 -10.25 -12.73 6.16
C GLY A 5 -10.18 -14.03 5.35
N GLU A 6 -9.28 -14.03 4.36
CA GLU A 6 -9.05 -15.18 3.48
C GLU A 6 -8.26 -16.25 4.25
N ALA A 7 -8.51 -17.51 3.89
CA ALA A 7 -8.05 -18.67 4.65
C ALA A 7 -6.57 -18.57 5.00
N ASP A 8 -5.73 -18.22 4.01
CA ASP A 8 -4.30 -18.44 4.13
C ASP A 8 -3.51 -17.14 4.00
N CYS A 9 -4.21 -16.01 3.96
CA CYS A 9 -3.62 -14.72 3.60
C CYS A 9 -2.43 -14.38 4.50
N GLY A 10 -1.58 -13.46 4.01
CA GLY A 10 -0.54 -12.81 4.79
C GLY A 10 0.65 -13.72 5.10
N LEU A 11 0.66 -14.93 4.51
CA LEU A 11 1.75 -15.87 4.70
C LEU A 11 2.48 -16.08 3.38
N ARG A 12 3.73 -15.62 3.31
CA ARG A 12 4.45 -15.55 2.05
C ARG A 12 5.04 -16.92 1.72
N PRO A 13 4.74 -17.46 0.52
CA PRO A 13 5.30 -18.73 0.04
C PRO A 13 6.82 -18.84 0.21
N LEU A 14 7.54 -17.74 0.01
CA LEU A 14 8.99 -17.80 -0.04
C LEU A 14 9.59 -17.39 1.30
N PHE A 15 8.76 -17.16 2.31
CA PHE A 15 9.27 -16.70 3.60
C PHE A 15 8.66 -17.48 4.75
N GLU A 16 7.48 -17.05 5.21
CA GLU A 16 6.78 -17.68 6.31
C GLU A 16 6.60 -19.16 6.02
N LYS A 17 6.25 -19.48 4.77
CA LYS A 17 5.88 -20.83 4.39
C LYS A 17 7.13 -21.71 4.34
N LYS A 18 8.30 -21.13 4.57
CA LYS A 18 9.54 -21.89 4.55
C LYS A 18 10.36 -21.58 5.79
N SER A 19 9.69 -21.06 6.82
CA SER A 19 10.35 -20.52 8.00
C SER A 19 11.67 -19.85 7.61
N LEU A 20 11.54 -18.81 6.77
CA LEU A 20 12.62 -17.96 6.32
C LEU A 20 12.22 -16.50 6.56
N GLU A 21 13.21 -15.67 6.95
CA GLU A 21 12.96 -14.28 7.26
C GLU A 21 13.58 -13.40 6.16
N ASP A 22 12.94 -12.25 5.90
CA ASP A 22 13.43 -11.32 4.89
C ASP A 22 14.45 -10.36 5.52
N LYS A 23 15.24 -9.72 4.66
CA LYS A 23 16.44 -9.00 5.03
C LYS A 23 16.19 -8.00 6.16
N THR A 24 15.03 -7.35 6.16
CA THR A 24 14.80 -6.26 7.10
C THR A 24 13.42 -6.36 7.72
N GLU A 25 13.07 -7.54 8.26
CA GLU A 25 11.78 -7.69 8.91
C GLU A 25 11.95 -7.65 10.43
N ARG A 26 13.19 -7.92 10.88
CA ARG A 26 13.55 -7.89 12.29
C ARG A 26 13.41 -6.46 12.80
N GLU A 27 13.72 -5.50 11.93
CA GLU A 27 13.61 -4.08 12.22
C GLU A 27 12.17 -3.78 12.65
N LEU A 28 11.23 -4.47 11.99
CA LEU A 28 9.81 -4.31 12.27
C LEU A 28 9.49 -4.76 13.69
N LEU A 29 10.08 -5.90 14.10
CA LEU A 29 9.80 -6.48 15.40
C LEU A 29 10.41 -5.61 16.50
N GLU A 30 11.64 -5.14 16.26
CA GLU A 30 12.35 -4.32 17.23
C GLU A 30 11.53 -3.10 17.60
N SER A 31 10.86 -2.52 16.61
CA SER A 31 10.01 -1.36 16.80
C SER A 31 8.95 -1.63 17.85
N TYR A 32 8.45 -2.87 17.90
CA TYR A 32 7.35 -3.24 18.79
C TYR A 32 7.82 -3.24 20.24
N ILE A 33 9.11 -3.56 20.43
CA ILE A 33 9.69 -3.76 21.73
C ILE A 33 10.14 -2.41 22.28
N ASP A 34 11.28 -1.91 21.79
CA ASP A 34 11.87 -0.67 22.28
C ASP A 34 11.57 0.45 21.28
N GLY A 35 10.28 0.73 21.09
CA GLY A 35 9.83 1.73 20.14
C GLY A 35 9.21 2.94 20.82
N ILE B 1 9.29 5.30 -3.75
CA ILE B 1 9.90 5.06 -2.41
C ILE B 1 11.26 5.75 -2.36
N VAL B 2 11.44 6.63 -1.36
CA VAL B 2 12.65 7.39 -1.18
C VAL B 2 13.45 6.78 -0.02
N GLU B 3 14.75 6.54 -0.30
CA GLU B 3 15.73 6.08 0.68
C GLU B 3 15.45 4.63 1.09
N GLY B 4 14.73 3.89 0.24
CA GLY B 4 14.47 2.49 0.49
C GLY B 4 15.51 1.61 -0.22
N SER B 5 15.18 0.32 -0.35
CA SER B 5 16.03 -0.59 -1.09
C SER B 5 15.18 -1.48 -1.99
N ASP B 6 15.87 -2.24 -2.86
CA ASP B 6 15.24 -3.21 -3.73
C ASP B 6 14.63 -4.30 -2.87
N ALA B 7 13.38 -4.68 -3.20
CA ALA B 7 12.73 -5.80 -2.53
C ALA B 7 13.44 -7.09 -2.91
N GLU B 8 13.20 -8.15 -2.14
CA GLU B 8 13.65 -9.48 -2.53
C GLU B 8 12.50 -10.18 -3.25
N ILE B 9 12.84 -11.14 -4.11
CA ILE B 9 11.84 -11.92 -4.82
C ILE B 9 10.83 -12.47 -3.81
N GLY B 10 9.55 -12.15 -4.03
CA GLY B 10 8.47 -12.73 -3.27
C GLY B 10 8.34 -12.13 -1.87
N MET B 11 9.01 -10.99 -1.65
CA MET B 11 8.99 -10.29 -0.37
C MET B 11 7.62 -9.68 -0.13
N SER B 12 6.90 -9.37 -1.21
CA SER B 12 5.67 -8.60 -1.12
C SER B 12 4.63 -9.13 -2.10
N PRO B 13 4.24 -10.43 -2.02
CA PRO B 13 3.48 -11.09 -3.09
C PRO B 13 2.06 -10.58 -3.33
N TRP B 14 1.66 -9.54 -2.58
CA TRP B 14 0.33 -8.97 -2.66
C TRP B 14 0.40 -7.65 -3.41
N GLN B 15 1.64 -7.22 -3.71
CA GLN B 15 1.93 -5.98 -4.39
C GLN B 15 1.37 -6.05 -5.81
N VAL B 16 0.65 -4.99 -6.21
CA VAL B 16 -0.05 -4.98 -7.49
C VAL B 16 0.25 -3.67 -8.21
N MET B 17 0.34 -3.76 -9.55
CA MET B 17 0.61 -2.62 -10.41
C MET B 17 -0.67 -2.25 -11.16
N LEU B 18 -1.04 -0.97 -11.06
CA LEU B 18 -2.06 -0.41 -11.94
C LEU B 18 -1.36 0.14 -13.18
N PHE B 19 -1.71 -0.45 -14.33
CA PHE B 19 -1.05 -0.16 -15.59
C PHE B 19 -2.07 0.49 -16.53
N ARG B 20 -1.63 1.59 -17.17
CA ARG B 20 -2.48 2.28 -18.12
C ARG B 20 -2.38 1.57 -19.48
N LYS B 21 -3.54 1.32 -20.09
CA LYS B 21 -3.61 0.52 -21.31
C LYS B 21 -3.17 1.34 -22.51
N SER B 22 -3.58 2.62 -22.54
CA SER B 22 -3.25 3.52 -23.64
C SER B 22 -3.00 4.93 -23.12
N PRO B 23 -1.74 5.41 -23.06
CA PRO B 23 -0.56 4.59 -23.40
C PRO B 23 -0.07 3.71 -22.25
N GLN B 24 1.07 3.05 -22.47
CA GLN B 24 1.69 2.19 -21.47
C GLN B 24 2.44 3.05 -20.45
N GLU B 25 1.81 3.28 -19.29
CA GLU B 25 2.42 4.01 -18.19
C GLU B 25 2.03 3.38 -16.86
N LEU B 26 2.98 3.31 -15.93
CA LEU B 26 2.73 2.89 -14.55
C LEU B 26 1.95 4.00 -13.84
N LEU B 27 0.78 3.64 -13.32
CA LEU B 27 -0.09 4.60 -12.67
C LEU B 27 0.20 4.66 -11.18
N CYS B 28 0.00 3.54 -10.49
CA CYS B 28 -0.13 3.50 -9.05
C CYS B 28 0.26 2.12 -8.54
N GLY B 29 0.27 1.98 -7.22
CA GLY B 29 0.30 0.69 -6.56
C GLY B 29 -1.10 0.20 -6.22
N ALA B 30 -1.15 -0.96 -5.56
CA ALA B 30 -2.37 -1.63 -5.12
C ALA B 30 -1.98 -2.92 -4.41
N SER B 31 -2.95 -3.56 -3.77
CA SER B 31 -2.70 -4.81 -3.07
C SER B 31 -3.81 -5.80 -3.36
N LEU B 32 -3.44 -7.09 -3.42
CA LEU B 32 -4.36 -8.20 -3.66
C LEU B 32 -4.88 -8.69 -2.31
N ILE B 33 -6.20 -8.65 -2.11
CA ILE B 33 -6.78 -8.98 -0.81
C ILE B 33 -7.58 -10.28 -0.89
N SER B 34 -7.85 -10.74 -2.12
CA SER B 34 -8.38 -12.08 -2.34
C SER B 34 -7.87 -12.59 -3.68
N ASP B 35 -8.61 -13.51 -4.30
CA ASP B 35 -8.23 -14.01 -5.62
C ASP B 35 -9.00 -13.23 -6.69
N ARG B 36 -9.89 -12.34 -6.25
CA ARG B 36 -10.82 -11.68 -7.16
C ARG B 36 -10.80 -10.16 -6.93
N TRP B 37 -10.26 -9.73 -5.79
CA TRP B 37 -10.43 -8.36 -5.32
C TRP B 37 -9.07 -7.70 -5.09
N VAL B 38 -9.00 -6.41 -5.42
CA VAL B 38 -7.78 -5.62 -5.31
C VAL B 38 -8.13 -4.27 -4.69
N LEU B 39 -7.23 -3.76 -3.85
CA LEU B 39 -7.41 -2.53 -3.09
C LEU B 39 -6.41 -1.49 -3.58
N THR B 40 -6.87 -0.24 -3.74
CA THR B 40 -5.97 0.86 -4.11
C THR B 40 -6.51 2.19 -3.59
N ALA B 41 -5.66 3.22 -3.66
CA ALA B 41 -6.05 4.60 -3.40
C ALA B 41 -6.99 5.07 -4.51
N ALA B 42 -8.01 5.84 -4.10
CA ALA B 42 -9.06 6.31 -5.00
C ALA B 42 -8.51 7.38 -5.94
N HIS B 43 -7.58 8.19 -5.45
CA HIS B 43 -7.04 9.29 -6.25
C HIS B 43 -6.24 8.73 -7.43
N CYS B 44 -6.11 7.40 -7.50
CA CYS B 44 -5.45 6.73 -8.60
C CYS B 44 -6.40 6.60 -9.78
N LEU B 45 -7.70 6.67 -9.49
CA LEU B 45 -8.73 6.39 -10.47
C LEU B 45 -9.50 7.66 -10.81
N LEU B 46 -9.72 8.50 -9.80
CA LEU B 46 -10.59 9.65 -9.92
C LEU B 46 -9.95 10.84 -9.18
N TYR B 47 -9.24 11.68 -9.95
CA TYR B 47 -8.83 12.98 -9.46
C TYR B 47 -9.09 14.02 -10.55
N PRO B 48 -10.29 14.65 -10.57
CA PRO B 48 -10.61 15.70 -11.52
C PRO B 48 -9.54 16.77 -11.70
N PRO B 49 -8.98 17.37 -10.61
CA PRO B 49 -7.99 18.44 -10.76
C PRO B 49 -6.84 18.13 -11.73
N TRP B 50 -6.53 16.85 -11.90
CA TRP B 50 -5.48 16.45 -12.84
C TRP B 50 -6.11 15.85 -14.10
N ASP B 51 -7.43 15.97 -14.21
CA ASP B 51 -8.20 15.42 -15.32
C ASP B 51 -7.99 13.91 -15.39
N LYS B 52 -8.21 13.25 -14.24
CA LYS B 52 -8.16 11.79 -14.17
C LYS B 52 -9.55 11.26 -13.83
N ASN B 53 -10.10 10.46 -14.74
CA ASN B 53 -11.37 9.77 -14.53
C ASN B 53 -11.37 8.48 -15.36
N PHE B 54 -10.57 7.51 -14.90
CA PHE B 54 -10.37 6.24 -15.58
C PHE B 54 -11.56 5.32 -15.35
N THR B 55 -11.68 4.30 -16.21
CA THR B 55 -12.68 3.25 -16.06
C THR B 55 -12.08 1.90 -16.44
N GLU B 56 -12.88 0.85 -16.22
CA GLU B 56 -12.46 -0.55 -16.24
C GLU B 56 -11.55 -0.82 -17.43
N ASN B 57 -11.89 -0.22 -18.58
CA ASN B 57 -11.29 -0.62 -19.85
C ASN B 57 -10.07 0.26 -20.17
N ASP B 58 -9.76 1.19 -19.26
CA ASP B 58 -8.59 2.04 -19.43
C ASP B 58 -7.38 1.37 -18.79
N LEU B 59 -7.64 0.49 -17.83
CA LEU B 59 -6.60 -0.06 -16.96
C LEU B 59 -6.64 -1.58 -16.97
N LEU B 60 -5.46 -2.18 -17.00
CA LEU B 60 -5.32 -3.55 -16.52
C LEU B 60 -4.46 -3.52 -15.26
N VAL B 61 -4.40 -4.67 -14.58
CA VAL B 61 -3.74 -4.78 -13.30
C VAL B 61 -2.74 -5.94 -13.37
N ARG B 62 -1.49 -5.67 -12.94
CA ARG B 62 -0.40 -6.62 -13.06
C ARG B 62 0.04 -7.10 -11.68
N ILE B 63 0.10 -8.42 -11.50
CA ILE B 63 0.34 -9.06 -10.22
C ILE B 63 1.60 -9.93 -10.31
N GLY B 64 2.41 -9.92 -9.25
CA GLY B 64 3.56 -10.81 -9.14
C GLY B 64 4.85 -10.16 -9.65
N LYS B 65 4.78 -8.87 -9.98
CA LYS B 65 5.87 -8.18 -10.64
C LYS B 65 6.98 -7.82 -9.66
N HIS B 66 8.19 -7.62 -10.20
CA HIS B 66 9.36 -7.21 -9.43
C HIS B 66 10.10 -6.12 -10.20
N SER B 67 10.51 -6.45 -11.44
CA SER B 67 11.05 -5.48 -12.38
C SER B 67 9.95 -4.51 -12.79
N ARG B 68 10.30 -3.22 -12.87
CA ARG B 68 9.33 -2.16 -13.10
C ARG B 68 8.84 -2.15 -14.54
N THR B 69 9.76 -2.41 -15.49
CA THR B 69 9.48 -2.18 -16.90
C THR B 69 9.24 -3.49 -17.66
N ARG B 70 10.05 -4.51 -17.37
CA ARG B 70 10.02 -5.75 -18.13
C ARG B 70 8.73 -6.51 -17.87
N TYR B 71 8.18 -7.12 -18.93
CA TYR B 71 7.18 -8.17 -18.76
C TYR B 71 7.90 -9.42 -18.24
N GLU B 72 7.74 -9.68 -16.93
CA GLU B 72 8.39 -10.86 -16.31
C GLU B 72 7.67 -12.12 -16.81
N ARG B 73 8.16 -12.70 -17.90
CA ARG B 73 7.58 -13.92 -18.50
C ARG B 73 7.46 -15.02 -17.46
N ASN B 74 6.31 -15.69 -17.40
CA ASN B 74 6.15 -16.86 -16.50
C ASN B 74 6.11 -16.45 -15.03
N ILE B 75 6.13 -15.15 -14.71
CA ILE B 75 6.00 -14.78 -13.32
C ILE B 75 4.73 -13.98 -13.10
N GLU B 76 4.58 -12.86 -13.83
CA GLU B 76 3.47 -11.95 -13.59
C GLU B 76 2.20 -12.49 -14.25
N LYS B 77 1.06 -12.15 -13.65
CA LYS B 77 -0.25 -12.47 -14.21
C LYS B 77 -1.04 -11.17 -14.38
N ILE B 78 -1.52 -10.94 -15.61
CA ILE B 78 -2.25 -9.73 -15.99
C ILE B 78 -3.75 -10.00 -15.92
N SER B 79 -4.49 -9.06 -15.32
CA SER B 79 -5.93 -9.19 -15.17
C SER B 79 -6.63 -7.92 -15.62
N MET B 80 -7.87 -8.08 -16.10
CA MET B 80 -8.72 -6.97 -16.48
C MET B 80 -9.79 -6.76 -15.42
N LEU B 81 -10.27 -5.52 -15.32
CA LEU B 81 -11.23 -5.12 -14.30
C LEU B 81 -12.64 -5.45 -14.76
N GLU B 82 -13.45 -5.98 -13.83
CA GLU B 82 -14.89 -6.06 -14.03
C GLU B 82 -15.52 -4.73 -13.64
N LYS B 83 -15.24 -4.27 -12.41
CA LYS B 83 -15.89 -3.09 -11.87
C LYS B 83 -14.92 -2.34 -10.96
N ILE B 84 -15.21 -1.04 -10.79
CA ILE B 84 -14.50 -0.16 -9.88
C ILE B 84 -15.51 0.39 -8.88
N TYR B 85 -15.08 0.54 -7.62
CA TYR B 85 -15.93 1.11 -6.58
C TYR B 85 -15.13 2.13 -5.79
N ILE B 86 -15.22 3.40 -6.20
CA ILE B 86 -14.67 4.49 -5.40
C ILE B 86 -15.59 4.70 -4.20
N HIS B 87 -15.00 5.01 -3.04
CA HIS B 87 -15.75 5.19 -1.81
C HIS B 87 -16.72 6.37 -1.96
N PRO B 88 -18.02 6.16 -1.67
CA PRO B 88 -19.03 7.22 -1.80
C PRO B 88 -18.63 8.58 -1.23
N ARG B 89 -18.10 8.60 -0.01
CA ARG B 89 -17.86 9.87 0.67
C ARG B 89 -16.41 10.33 0.46
N TYR B 90 -15.80 9.85 -0.62
CA TYR B 90 -14.42 10.21 -0.96
C TYR B 90 -14.33 11.68 -1.35
N ASN B 91 -13.60 12.46 -0.54
CA ASN B 91 -13.53 13.90 -0.73
C ASN B 91 -12.23 14.25 -1.47
N TRP B 92 -12.33 14.40 -2.79
CA TRP B 92 -11.19 14.71 -3.64
C TRP B 92 -10.96 16.22 -3.70
N ARG B 93 -11.99 16.98 -3.28
CA ARG B 93 -11.97 18.43 -3.39
C ARG B 93 -11.01 19.02 -2.37
N GLU B 94 -11.05 18.51 -1.13
CA GLU B 94 -10.33 19.12 -0.04
C GLU B 94 -8.99 18.41 0.23
N ASN B 95 -9.04 17.23 0.85
CA ASN B 95 -7.87 16.68 1.53
C ASN B 95 -7.70 15.18 1.28
N LEU B 96 -8.44 14.63 0.31
CA LEU B 96 -8.36 13.23 -0.07
C LEU B 96 -8.86 12.31 1.05
N ASP B 97 -9.71 12.84 1.93
CA ASP B 97 -10.37 12.03 2.95
C ASP B 97 -11.06 10.85 2.26
N ARG B 98 -10.79 9.65 2.77
CA ARG B 98 -11.44 8.41 2.36
C ARG B 98 -10.87 7.93 1.01
N ASP B 99 -9.56 8.13 0.83
CA ASP B 99 -8.82 7.81 -0.38
C ASP B 99 -8.68 6.29 -0.52
N ILE B 100 -9.77 5.62 -0.91
CA ILE B 100 -9.78 4.16 -1.03
C ILE B 100 -10.66 3.76 -2.20
N ALA B 101 -10.27 2.66 -2.88
CA ALA B 101 -11.03 2.13 -3.99
C ALA B 101 -10.81 0.63 -4.11
N LEU B 102 -11.90 -0.10 -4.42
CA LEU B 102 -11.86 -1.53 -4.67
C LEU B 102 -12.00 -1.80 -6.17
N MET B 103 -11.54 -2.98 -6.60
CA MET B 103 -11.66 -3.43 -7.98
C MET B 103 -11.89 -4.94 -7.99
N LYS B 104 -13.00 -5.37 -8.59
CA LYS B 104 -13.19 -6.79 -8.86
C LYS B 104 -12.53 -7.14 -10.18
N LEU B 105 -12.01 -8.37 -10.28
CA LEU B 105 -11.36 -8.83 -11.49
C LEU B 105 -12.32 -9.74 -12.27
N LYS B 106 -12.24 -9.68 -13.60
CA LYS B 106 -13.07 -10.47 -14.48
C LYS B 106 -12.96 -11.95 -14.10
N LYS B 107 -11.72 -12.46 -14.09
CA LYS B 107 -11.45 -13.84 -13.77
C LYS B 107 -10.51 -13.90 -12.56
N PRO B 108 -10.74 -14.86 -11.61
CA PRO B 108 -9.88 -15.01 -10.44
C PRO B 108 -8.43 -15.40 -10.78
N VAL B 109 -7.48 -14.75 -10.11
CA VAL B 109 -6.06 -14.97 -10.32
C VAL B 109 -5.63 -16.21 -9.54
N ALA B 110 -4.69 -16.97 -10.12
CA ALA B 110 -4.12 -18.13 -9.46
C ALA B 110 -2.95 -17.68 -8.59
N PHE B 111 -2.76 -18.36 -7.45
CA PHE B 111 -1.69 -17.99 -6.52
C PHE B 111 -0.42 -18.75 -6.86
N SER B 112 0.72 -18.10 -6.67
CA SER B 112 2.03 -18.71 -6.85
C SER B 112 2.99 -18.15 -5.81
N ASP B 113 4.29 -18.41 -6.01
CA ASP B 113 5.33 -17.98 -5.09
C ASP B 113 5.39 -16.45 -5.05
N TYR B 114 4.80 -15.82 -6.07
CA TYR B 114 4.98 -14.40 -6.30
C TYR B 114 3.62 -13.70 -6.19
N ILE B 115 2.56 -14.50 -6.13
CA ILE B 115 1.21 -13.97 -6.06
C ILE B 115 0.52 -14.62 -4.86
N HIS B 116 0.32 -13.82 -3.81
CA HIS B 116 -0.39 -14.27 -2.62
C HIS B 116 -1.08 -13.09 -1.95
N PRO B 117 -2.33 -13.25 -1.47
CA PRO B 117 -3.08 -12.15 -0.85
C PRO B 117 -2.63 -11.81 0.57
N VAL B 118 -2.81 -10.53 0.93
CA VAL B 118 -2.50 -9.99 2.25
C VAL B 118 -3.76 -10.07 3.10
N CYS B 119 -3.60 -9.91 4.42
CA CYS B 119 -4.75 -9.94 5.32
C CYS B 119 -5.15 -8.52 5.69
N LEU B 120 -6.45 -8.32 5.88
CA LEU B 120 -7.00 -7.06 6.38
C LEU B 120 -7.09 -7.15 7.90
N PRO B 121 -6.78 -6.06 8.64
CA PRO B 121 -6.75 -6.10 10.10
C PRO B 121 -8.16 -6.20 10.67
N ASP B 122 -8.25 -6.39 11.99
CA ASP B 122 -9.53 -6.33 12.67
C ASP B 122 -9.40 -5.51 13.96
N ARG B 123 -10.53 -5.29 14.63
CA ARG B 123 -10.61 -4.53 15.87
C ARG B 123 -9.31 -4.69 16.67
N GLU B 124 -9.04 -5.93 17.08
CA GLU B 124 -7.97 -6.24 18.02
C GLU B 124 -6.61 -5.94 17.40
N THR B 125 -6.44 -6.37 16.13
CA THR B 125 -5.15 -6.32 15.46
C THR B 125 -4.75 -4.87 15.23
N ALA B 126 -5.74 -4.04 14.86
CA ALA B 126 -5.57 -2.62 14.60
C ALA B 126 -5.17 -1.91 15.89
N ALA B 127 -5.87 -2.26 16.98
CA ALA B 127 -5.61 -1.74 18.31
C ALA B 127 -4.18 -2.07 18.75
N SER B 128 -3.76 -3.32 18.50
CA SER B 128 -2.48 -3.82 18.95
C SER B 128 -1.32 -3.18 18.17
N LEU B 129 -1.43 -3.17 16.85
CA LEU B 129 -0.28 -2.90 15.99
C LEU B 129 -0.19 -1.41 15.63
N LEU B 130 -1.34 -0.78 15.36
CA LEU B 130 -1.38 0.59 14.89
C LEU B 130 -1.22 1.55 16.06
N GLN B 131 0.05 1.86 16.38
CA GLN B 131 0.42 2.70 17.51
C GLN B 131 1.72 3.40 17.16
N ALA B 132 1.90 4.62 17.69
CA ALA B 132 3.05 5.44 17.36
C ALA B 132 4.34 4.66 17.62
N GLY B 133 5.38 4.97 16.85
CA GLY B 133 6.70 4.37 17.06
C GLY B 133 6.81 2.97 16.48
N TYR B 134 5.66 2.32 16.26
CA TYR B 134 5.61 1.00 15.67
C TYR B 134 5.77 1.10 14.15
N LYS B 135 6.79 0.40 13.62
CA LYS B 135 7.16 0.50 12.22
C LYS B 135 6.30 -0.43 11.35
N GLY B 136 5.96 0.09 10.15
CA GLY B 136 5.34 -0.68 9.09
C GLY B 136 6.22 -0.71 7.84
N ARG B 137 5.71 -1.33 6.78
CA ARG B 137 6.49 -1.50 5.56
C ARG B 137 5.72 -0.93 4.37
N VAL B 138 6.43 -0.14 3.54
CA VAL B 138 5.87 0.43 2.33
C VAL B 138 6.67 -0.04 1.12
N THR B 139 5.95 -0.41 0.07
CA THR B 139 6.51 -0.91 -1.17
C THR B 139 5.86 -0.21 -2.36
N GLY B 140 6.65 0.05 -3.40
CA GLY B 140 6.16 0.71 -4.60
C GLY B 140 7.24 0.87 -5.67
N TRP B 141 6.81 1.32 -6.85
CA TRP B 141 7.67 1.53 -8.00
C TRP B 141 7.82 3.02 -8.28
N GLY B 142 7.30 3.85 -7.35
CA GLY B 142 7.31 5.31 -7.48
C GLY B 142 8.71 5.90 -7.56
N ASN B 143 8.77 7.24 -7.53
CA ASN B 143 9.99 8.00 -7.76
C ASN B 143 10.94 7.83 -6.59
N LEU B 144 12.24 7.79 -6.89
CA LEU B 144 13.29 7.61 -5.90
C LEU B 144 13.54 8.91 -5.16
N LYS B 145 13.27 10.03 -5.83
CA LYS B 145 13.49 11.36 -5.28
C LYS B 145 12.23 12.22 -5.47
N GLU B 146 12.19 13.35 -4.75
CA GLU B 146 11.18 14.39 -4.90
C GLU B 146 11.21 14.92 -6.33
N THR B 147 10.07 15.45 -6.80
CA THR B 147 9.90 15.85 -8.19
C THR B 147 10.98 16.83 -8.59
N TRP B 148 11.05 17.97 -7.88
CA TRP B 148 12.09 18.94 -8.15
C TRP B 148 13.26 18.72 -7.19
N THR B 149 14.27 17.95 -7.65
CA THR B 149 15.53 17.77 -6.94
C THR B 149 16.67 17.63 -7.95
N GLN B 156 13.15 7.19 -10.84
CA GLN B 156 12.33 5.96 -10.94
C GLN B 156 13.22 4.71 -10.83
N PRO B 157 12.81 3.69 -10.05
CA PRO B 157 13.65 2.53 -9.78
C PRO B 157 13.51 1.45 -10.84
N SER B 158 14.45 0.51 -10.86
CA SER B 158 14.45 -0.58 -11.82
C SER B 158 13.66 -1.78 -11.29
N VAL B 159 13.62 -1.95 -9.97
CA VAL B 159 12.82 -2.98 -9.32
C VAL B 159 12.05 -2.38 -8.15
N LEU B 160 11.05 -3.14 -7.65
CA LEU B 160 10.21 -2.78 -6.53
C LEU B 160 11.07 -2.30 -5.36
N GLN B 161 10.61 -1.21 -4.72
CA GLN B 161 11.35 -0.59 -3.63
C GLN B 161 10.60 -0.81 -2.32
N VAL B 162 11.37 -1.13 -1.29
CA VAL B 162 10.81 -1.36 0.04
C VAL B 162 11.49 -0.41 1.01
N VAL B 163 10.75 0.01 2.04
CA VAL B 163 11.23 0.89 3.08
C VAL B 163 10.36 0.71 4.32
N ASN B 164 11.01 0.73 5.50
CA ASN B 164 10.33 0.51 6.76
C ASN B 164 10.18 1.83 7.50
N LEU B 165 8.94 2.17 7.87
CA LEU B 165 8.62 3.52 8.31
C LEU B 165 7.76 3.49 9.57
N PRO B 166 8.20 4.19 10.65
CA PRO B 166 7.46 4.25 11.92
C PRO B 166 6.27 5.20 11.95
N ILE B 167 5.13 4.71 12.45
CA ILE B 167 3.91 5.47 12.62
C ILE B 167 4.19 6.68 13.53
N VAL B 168 3.39 7.74 13.38
CA VAL B 168 3.57 8.98 14.13
C VAL B 168 2.24 9.42 14.73
N GLU B 169 2.31 9.96 15.97
CA GLU B 169 1.16 10.37 16.78
C GLU B 169 0.50 11.60 16.15
N ARG B 170 -0.84 11.65 16.22
CA ARG B 170 -1.65 12.68 15.57
C ARG B 170 -1.19 14.08 15.94
N PRO B 171 -0.99 14.44 17.23
CA PRO B 171 -0.35 15.70 17.59
C PRO B 171 0.79 16.16 16.66
N VAL B 172 1.78 15.30 16.44
CA VAL B 172 2.93 15.64 15.62
C VAL B 172 2.55 15.53 14.14
N CYS B 173 1.44 14.84 13.91
CA CYS B 173 0.98 14.44 12.58
C CYS B 173 0.16 15.57 11.97
N LYS B 174 -0.53 16.35 12.82
CA LYS B 174 -1.42 17.41 12.40
C LYS B 174 -0.66 18.73 12.29
N ASP B 175 0.29 18.95 13.21
CA ASP B 175 1.03 20.20 13.28
C ASP B 175 2.14 20.20 12.23
N SER B 176 2.20 19.14 11.42
CA SER B 176 3.21 18.98 10.39
C SER B 176 2.76 19.65 9.10
N THR B 177 1.44 19.64 8.88
CA THR B 177 0.83 20.07 7.63
C THR B 177 -0.28 21.08 7.92
N ARG B 178 -0.68 21.82 6.87
CA ARG B 178 -1.76 22.79 6.94
C ARG B 178 -3.06 22.14 6.47
N ILE B 179 -2.95 20.91 5.94
CA ILE B 179 -4.09 20.19 5.39
C ILE B 179 -4.87 19.57 6.55
N ARG B 180 -6.20 19.68 6.48
CA ARG B 180 -7.08 19.12 7.49
C ARG B 180 -6.96 17.60 7.49
N ILE B 181 -6.71 17.02 8.67
CA ILE B 181 -6.60 15.59 8.86
C ILE B 181 -7.98 15.04 9.23
N THR B 182 -8.19 13.73 8.97
CA THR B 182 -9.37 13.04 9.47
C THR B 182 -8.96 11.78 10.22
N ASP B 183 -9.96 11.08 10.77
CA ASP B 183 -9.77 9.85 11.51
C ASP B 183 -9.37 8.73 10.55
N ASN B 184 -9.56 8.97 9.25
CA ASN B 184 -9.35 7.95 8.23
C ASN B 184 -7.93 8.01 7.69
N MET B 185 -7.05 8.71 8.41
CA MET B 185 -5.67 8.88 7.99
C MET B 185 -4.74 8.50 9.15
N PHE B 186 -3.45 8.32 8.82
CA PHE B 186 -2.36 8.33 9.79
C PHE B 186 -1.07 8.65 9.02
N CYS B 187 -0.13 9.33 9.67
CA CYS B 187 1.15 9.55 9.02
C CYS B 187 2.19 8.55 9.52
N ALA B 188 3.38 8.61 8.91
CA ALA B 188 4.47 7.70 9.22
C ALA B 188 5.76 8.29 8.65
N GLY B 189 6.87 8.00 9.33
CA GLY B 189 8.17 8.49 8.88
C GLY B 189 9.00 8.99 10.05
N TYR B 190 10.30 9.15 9.79
CA TYR B 190 11.25 9.50 10.83
C TYR B 190 11.17 11.00 11.12
N LYS B 191 11.38 11.35 12.38
CA LYS B 191 11.46 12.73 12.82
C LYS B 191 12.87 13.26 12.51
N PRO B 192 13.06 14.59 12.37
CA PRO B 192 14.29 15.14 11.78
C PRO B 192 15.58 14.78 12.51
N ASP B 193 15.44 14.44 13.80
CA ASP B 193 16.55 14.18 14.70
C ASP B 193 16.86 12.68 14.73
N GLU B 194 15.94 11.87 14.19
CA GLU B 194 15.92 10.43 14.42
C GLU B 194 17.02 9.70 13.64
N GLY B 195 17.72 10.40 12.74
CA GLY B 195 18.90 9.84 12.11
C GLY B 195 18.57 9.09 10.82
N LYS B 196 17.76 8.03 10.94
CA LYS B 196 17.25 7.33 9.77
C LYS B 196 16.15 8.16 9.12
N ARG B 197 16.02 8.02 7.79
CA ARG B 197 15.04 8.76 7.00
C ARG B 197 14.44 7.84 5.93
N GLY B 198 13.50 8.37 5.15
CA GLY B 198 12.85 7.62 4.08
C GLY B 198 11.35 7.91 4.01
N ASP B 199 10.75 7.60 2.85
CA ASP B 199 9.35 7.94 2.60
C ASP B 199 8.88 7.37 1.27
N ALA B 200 7.55 7.20 1.16
CA ALA B 200 6.89 6.97 -0.11
C ALA B 200 6.97 8.25 -0.94
N CYS B 201 6.70 8.14 -2.24
CA CYS B 201 6.75 9.30 -3.12
C CYS B 201 5.64 9.19 -4.17
N GLU B 202 5.72 10.08 -5.17
CA GLU B 202 4.80 10.07 -6.30
C GLU B 202 4.90 8.72 -7.00
N GLY B 203 3.73 8.16 -7.35
CA GLY B 203 3.64 6.90 -8.07
C GLY B 203 3.71 5.70 -7.12
N ASP B 204 3.33 5.93 -5.85
CA ASP B 204 3.36 4.90 -4.82
C ASP B 204 1.96 4.66 -4.28
N SER B 205 1.03 5.56 -4.64
CA SER B 205 -0.34 5.53 -4.16
C SER B 205 -0.96 4.17 -4.45
N GLY B 206 -1.84 3.73 -3.55
CA GLY B 206 -2.43 2.40 -3.65
C GLY B 206 -1.55 1.34 -3.01
N GLY B 207 -0.23 1.54 -3.10
CA GLY B 207 0.76 0.65 -2.49
C GLY B 207 0.45 0.43 -1.01
N PRO B 208 0.54 -0.83 -0.50
CA PRO B 208 0.11 -1.14 0.86
C PRO B 208 1.14 -0.74 1.92
N PHE B 209 0.62 -0.42 3.11
CA PHE B 209 1.41 -0.23 4.33
C PHE B 209 1.10 -1.42 5.24
N VAL B 210 2.06 -2.35 5.36
CA VAL B 210 1.81 -3.61 6.03
C VAL B 210 2.64 -3.68 7.32
N MET B 211 2.12 -4.45 8.28
CA MET B 211 2.81 -4.83 9.49
C MET B 211 2.62 -6.32 9.71
N LYS B 212 3.61 -6.93 10.40
CA LYS B 212 3.63 -8.38 10.61
C LYS B 212 3.24 -8.70 12.05
N SER B 213 2.09 -9.36 12.20
CA SER B 213 1.56 -9.74 13.50
C SER B 213 2.54 -10.68 14.20
N PRO B 214 3.01 -10.35 15.43
CA PRO B 214 3.98 -11.18 16.14
C PRO B 214 3.28 -12.31 16.90
N PHE B 215 1.95 -12.37 16.76
CA PHE B 215 1.17 -13.45 17.32
C PHE B 215 1.13 -14.61 16.34
N ASN B 216 0.71 -14.34 15.10
CA ASN B 216 0.42 -15.39 14.13
C ASN B 216 1.29 -15.26 12.89
N ASN B 217 2.27 -14.34 12.93
CA ASN B 217 3.28 -14.21 11.89
C ASN B 217 2.67 -13.93 10.52
N ARG B 218 1.39 -13.55 10.49
CA ARG B 218 0.73 -13.13 9.27
C ARG B 218 0.99 -11.64 9.04
N TRP B 219 0.89 -11.20 7.77
CA TRP B 219 1.05 -9.81 7.42
C TRP B 219 -0.32 -9.15 7.26
N TYR B 220 -0.45 -7.93 7.80
CA TYR B 220 -1.70 -7.19 7.72
C TYR B 220 -1.45 -5.85 7.02
N GLN B 221 -2.38 -5.47 6.12
CA GLN B 221 -2.31 -4.19 5.44
C GLN B 221 -3.07 -3.13 6.25
N MET B 222 -2.30 -2.27 6.91
CA MET B 222 -2.85 -1.30 7.84
C MET B 222 -3.14 0.00 7.09
N GLY B 223 -2.35 0.28 6.04
CA GLY B 223 -2.44 1.55 5.34
C GLY B 223 -2.44 1.41 3.82
N ILE B 224 -2.93 2.47 3.17
CA ILE B 224 -2.79 2.69 1.74
C ILE B 224 -2.05 4.01 1.56
N VAL B 225 -1.05 4.04 0.67
CA VAL B 225 -0.34 5.28 0.36
C VAL B 225 -1.35 6.25 -0.24
N SER B 226 -1.48 7.43 0.37
CA SER B 226 -2.47 8.41 -0.04
C SER B 226 -1.81 9.67 -0.58
N TRP B 227 -1.20 10.47 0.31
CA TRP B 227 -0.66 11.74 -0.11
C TRP B 227 0.60 12.10 0.66
N GLY B 228 1.23 13.21 0.24
CA GLY B 228 2.43 13.75 0.85
C GLY B 228 2.58 15.24 0.53
N GLU B 229 3.77 15.77 0.83
CA GLU B 229 4.11 17.17 0.61
C GLU B 229 5.59 17.21 0.27
N GLY B 230 5.90 16.96 -1.01
CA GLY B 230 7.24 16.56 -1.40
C GLY B 230 7.47 15.09 -1.02
N CYS B 231 8.73 14.73 -0.79
CA CYS B 231 9.09 13.35 -0.50
C CYS B 231 10.33 13.33 0.39
N ASP B 232 10.14 12.89 1.65
CA ASP B 232 11.23 12.68 2.59
C ASP B 232 11.94 14.02 2.85
N ARG B 233 11.20 14.96 3.45
CA ARG B 233 11.78 16.21 3.91
C ARG B 233 11.44 16.40 5.38
N ASP B 234 12.43 16.87 6.14
CA ASP B 234 12.36 16.94 7.59
C ASP B 234 11.19 17.82 8.01
N GLY B 235 10.30 17.25 8.83
CA GLY B 235 9.12 17.96 9.30
C GLY B 235 7.87 17.50 8.56
N LYS B 236 8.07 16.78 7.46
CA LYS B 236 6.97 16.29 6.64
C LYS B 236 6.88 14.77 6.75
N TYR B 237 5.66 14.26 6.71
CA TYR B 237 5.39 12.84 6.82
C TYR B 237 4.39 12.43 5.73
N GLY B 238 4.57 11.20 5.21
CA GLY B 238 3.63 10.62 4.27
C GLY B 238 2.34 10.19 4.98
N PHE B 239 1.21 10.35 4.29
CA PHE B 239 -0.08 10.02 4.89
C PHE B 239 -0.66 8.79 4.23
N TYR B 240 -1.39 8.00 5.03
CA TYR B 240 -1.88 6.70 4.60
C TYR B 240 -3.37 6.58 4.96
N THR B 241 -4.12 5.93 4.06
CA THR B 241 -5.52 5.66 4.31
C THR B 241 -5.62 4.57 5.37
N HIS B 242 -6.36 4.86 6.43
CA HIS B 242 -6.60 3.96 7.54
C HIS B 242 -7.55 2.85 7.10
N VAL B 243 -6.98 1.66 6.82
CA VAL B 243 -7.69 0.58 6.15
C VAL B 243 -8.82 0.06 7.03
N PHE B 244 -8.56 -0.10 8.33
CA PHE B 244 -9.52 -0.70 9.24
C PHE B 244 -10.76 0.18 9.38
N ARG B 245 -10.53 1.48 9.60
CA ARG B 245 -11.63 2.40 9.85
C ARG B 245 -12.53 2.49 8.62
N LEU B 246 -12.14 1.79 7.55
CA LEU B 246 -12.93 1.73 6.34
C LEU B 246 -13.35 0.29 6.06
N LYS B 247 -12.91 -0.64 6.92
CA LYS B 247 -13.09 -2.06 6.70
C LYS B 247 -14.58 -2.39 6.57
N LYS B 248 -15.41 -1.67 7.33
CA LYS B 248 -16.84 -1.87 7.29
C LYS B 248 -17.34 -1.72 5.85
N TRP B 249 -16.79 -0.71 5.16
CA TRP B 249 -17.15 -0.41 3.78
C TRP B 249 -16.69 -1.53 2.85
N ILE B 250 -15.52 -2.10 3.15
CA ILE B 250 -14.90 -3.08 2.27
C ILE B 250 -15.74 -4.34 2.21
N GLN B 251 -16.17 -4.83 3.38
CA GLN B 251 -17.01 -6.02 3.49
C GLN B 251 -18.32 -5.80 2.77
N LYS B 252 -18.93 -4.62 2.99
CA LYS B 252 -20.18 -4.24 2.36
C LYS B 252 -20.10 -4.51 0.86
N VAL B 253 -19.07 -3.95 0.22
CA VAL B 253 -18.90 -3.96 -1.22
C VAL B 253 -18.76 -5.39 -1.73
N ILE B 254 -17.97 -6.22 -1.02
CA ILE B 254 -17.66 -7.57 -1.47
C ILE B 254 -18.93 -8.42 -1.49
N ASP B 255 -19.66 -8.41 -0.36
CA ASP B 255 -20.78 -9.30 -0.13
C ASP B 255 -21.97 -8.92 -0.99
N GLN B 256 -22.06 -7.64 -1.34
CA GLN B 256 -23.16 -7.11 -2.13
C GLN B 256 -22.93 -7.40 -3.61
N PHE B 257 -21.65 -7.57 -3.98
CA PHE B 257 -21.26 -7.74 -5.38
C PHE B 257 -20.43 -9.03 -5.52
N 0G6 D . 0.92 17.09 -2.88
CA 0G6 D . -0.47 16.67 -2.82
C 0G6 D . -0.58 15.17 -3.01
O 0G6 D . 0.21 14.44 -2.44
CB 0G6 D . -1.07 17.10 -1.48
CG 0G6 D . -2.58 17.12 -1.47
CD1 0G6 D . -3.26 16.35 -0.52
CD2 0G6 D . -3.29 17.91 -2.37
CE1 0G6 D . -4.66 16.36 -0.47
CE2 0G6 D . -4.69 17.92 -2.33
CZ 0G6 D . -5.37 17.14 -1.38
N1 0G6 D . -1.55 14.69 -3.81
CA1 0G6 D . -1.80 13.24 -3.88
C1 0G6 D . -0.65 12.45 -4.45
O1 0G6 D . 0.13 13.01 -5.22
CB1 0G6 D . -3.00 13.07 -4.78
CG1 0G6 D . -3.55 14.46 -5.06
CD 0G6 D . -2.45 15.44 -4.66
N2 0G6 D . -0.54 11.17 -4.04
CA2 0G6 D . 0.51 10.25 -4.47
C2 0G6 D . -0.05 9.08 -5.27
O2 0G6 D . 0.96 8.63 -6.17
CB2 0G6 D . 1.33 9.71 -3.29
CG2 0G6 D . 1.92 10.81 -2.44
CD3 0G6 D . 3.30 10.43 -1.92
NE 0G6 D . 3.85 11.46 -1.05
CZ1 0G6 D . 4.55 11.18 0.04
NH1 0G6 D . 5.80 11.64 0.15
NH2 0G6 D . 4.04 10.43 1.02
C3 0G6 D . -1.34 9.42 -6.03
NA NA E . 10.13 12.94 6.64
C1 LMR F . -1.59 7.94 14.58
O1A LMR F . -0.86 7.97 15.58
O1B LMR F . -1.24 8.26 13.42
C2 LMR F . -3.04 7.48 14.78
O2 LMR F . -3.39 6.48 13.83
C3 LMR F . -3.30 6.95 16.19
C4 LMR F . -4.77 7.16 16.56
O4A LMR F . -5.61 6.34 16.13
O4B LMR F . -5.07 8.16 17.25
O1 JL0 G . 16.54 -13.53 -28.67
C1 JL0 G . 17.22 -13.67 -27.66
C2 JL0 G . 17.45 -15.00 -27.03
C3 JL0 G . 16.89 -16.14 -27.57
C4 JL0 G . 17.12 -17.39 -26.99
C5 JL0 G . 17.89 -17.51 -25.85
C6 JL0 G . 18.12 -18.83 -25.24
O2 JL0 G . 17.64 -19.86 -25.69
N1 JL0 G . 18.92 -18.88 -24.09
C7 JL0 G . 19.15 -20.18 -23.47
C8 JL0 G . 20.17 -21.03 -24.20
C9 JL0 G . 19.84 -22.50 -24.15
O3 JL0 G . 20.40 -23.14 -25.33
P1 JL0 G . 21.86 -23.80 -25.28
O4 JL0 G . 22.79 -22.95 -24.44
O5 JL0 G . 21.65 -25.24 -24.92
O6 JL0 G . 22.40 -23.67 -26.79
C10 JL0 G . 21.85 -22.66 -27.68
C11 JL0 G . 22.84 -21.53 -27.83
C12 JL0 G . 23.38 -21.37 -29.24
N2 JL0 G . 23.22 -20.00 -29.75
C13 JL0 G . 23.93 -18.99 -29.11
O7 JL0 G . 24.66 -19.22 -28.17
C14 JL0 G . 23.75 -17.60 -29.62
C15 JL0 G . 24.42 -16.55 -29.03
C16 JL0 G . 24.26 -15.24 -29.51
C17 JL0 G . 23.43 -14.98 -30.57
C18 JL0 G . 23.27 -13.59 -31.07
O8 JL0 G . 23.86 -12.66 -30.56
N3 JL0 G . 22.42 -13.40 -32.16
C19 JL0 G . 22.26 -12.03 -32.66
C25 JL0 G . 21.71 -14.41 -32.81
O14 JL0 G . 20.99 -14.16 -33.75
C26 JL0 G . 21.89 -15.80 -32.30
C27 JL0 G . 21.22 -16.85 -32.89
C28 JL0 G . 21.38 -18.16 -32.41
C29 JL0 G . 22.20 -18.42 -31.34
C30 JL0 G . 22.36 -19.81 -30.84
O15 JL0 G . 21.78 -20.76 -31.34
C31 JL0 G . 22.89 -17.36 -30.72
C32 JL0 G . 22.73 -16.05 -31.20
C33 JL0 G . 19.53 -17.77 -23.49
O16 JL0 G . 20.20 -17.90 -22.50
C34 JL0 G . 19.28 -16.45 -24.13
C35 JL0 G . 19.84 -15.32 -23.59
C36 JL0 G . 19.62 -14.06 -24.19
C37 JL0 G . 18.84 -13.94 -25.31
C38 JL0 G . 18.62 -12.61 -25.93
O17 JL0 G . 19.10 -11.60 -25.47
N4 JL0 G . 17.82 -12.57 -27.07
C39 JL0 G . 17.61 -11.26 -27.69
C40 JL0 G . 18.63 -10.94 -28.76
C41 JL0 G . 18.04 -10.28 -29.96
O18 JL0 G . 17.47 -9.00 -29.56
C42 JL0 G . 18.25 -15.09 -25.88
C43 JL0 G . 18.48 -16.36 -25.28
C20 JL0 G . 21.08 -11.30 -32.06
C21 JL0 G . 20.66 -10.12 -32.87
O9 JL0 G . 19.21 -10.13 -33.04
P3 JL0 G . 18.55 -10.83 -34.33
O21 JL0 G . 17.38 -9.81 -34.74
O20 JL0 G . 17.91 -12.12 -33.88
O13 JL0 G . 19.58 -10.85 -35.43
C23 JL0 G . 17.68 -8.40 -34.94
C24 JL0 G . 17.40 -8.02 -36.37
C44 JL0 G . 18.58 -8.28 -37.30
O19 JL0 G . 18.93 -7.12 -38.05
C8 JKR H . 20.56 -15.48 -28.28
C5 JKR H . 18.87 -16.31 -30.37
C6 JKR H . 19.13 -14.95 -30.15
C2 JKR H . 17.82 -20.50 -29.97
C3 JKR H . 18.08 -19.06 -30.34
C4 JKR H . 19.45 -17.26 -29.56
O1 JKR H . 14.26 -23.67 -30.35
P1 JKR H . 15.09 -22.91 -29.33
O2 JKR H . 16.29 -23.66 -28.79
O4 JKR H . 15.66 -21.56 -30.01
C1 JKR H . 16.52 -20.69 -29.23
O5 JKR H . 19.27 -18.58 -29.69
C7 JKR H . 19.95 -14.54 -29.15
C9 JKR H . 21.42 -15.09 -27.21
O6 JKR H . 21.59 -13.76 -27.10
C10 JKR H . 22.63 -13.28 -26.24
C11 JKR H . 23.10 -11.91 -26.68
C12 JKR H . 24.30 -11.41 -25.93
O7 JKR H . 25.47 -12.22 -26.29
P2 JKR H . 26.47 -11.73 -27.44
O8 JKR H . 27.84 -11.66 -26.83
O9 JKR H . 25.89 -10.52 -28.10
O10 JKR H . 26.44 -12.95 -28.49
C13 JKR H . 27.17 -14.18 -28.21
C14 JKR H . 28.41 -14.24 -29.05
C15 JKR H . 28.38 -15.31 -30.11
O11 JKR H . 27.41 -14.97 -31.11
C16 JKR H . 26.74 -15.96 -31.73
C17 JKR H . 26.78 -17.29 -31.38
C18 JKR H . 26.04 -18.24 -32.10
C19 JKR H . 25.27 -17.87 -33.18
C20 JKR H . 25.20 -16.50 -33.58
C21 JKR H . 24.41 -16.06 -34.68
O12 JKR H . 23.74 -17.04 -35.31
C28 JKR H . 24.36 -14.74 -35.04
C29 JKR H . 25.11 -13.79 -34.30
C30 JKR H . 25.88 -14.16 -33.24
C31 JKR H . 25.95 -15.52 -32.84
C32 JKR H . 22.00 -16.04 -26.40
C33 JKR H . 21.74 -17.40 -26.62
C34 JKR H . 20.92 -17.82 -27.63
C35 JKR H . 20.31 -16.87 -28.49
K K I . 15.85 -13.03 -21.91
#